data_5Y7I
#
_entry.id   5Y7I
#
_cell.length_a   165.230
_cell.length_b   44.730
_cell.length_c   71.470
_cell.angle_alpha   90.00
_cell.angle_beta   97.91
_cell.angle_gamma   90.00
#
_symmetry.space_group_name_H-M   'C 1 2 1'
#
_entity_poly.entity_id   1
_entity_poly.type   'polypeptide(L)'
_entity_poly.pdbx_seq_one_letter_code
;MHHHHHHSSGLVPRGSMAALRQSSDKEPSIELFIKAGHDGENVGNCPFCQRLFMVLWLKGVKFTVTTVDMRKKPAELKDL
APGTNPPFLLYNGTLKTDFIKIEEFLEQTLAPPRYPHLSPVNKESFDVGADIFAKFSAFIKNSPNNPLQEKNLLREFKRL
DDYLNSPLPEEIDHNSVETITVSNRKFLDGDRLTLADCNLLPKLHVIRVAAKKYCNFEIPDHFTGVWRYLKNADERDEFK
QTCPADIEIEKAYLSVANKRK
;
_entity_poly.pdbx_strand_id   A,B
#
# COMPACT_ATOMS: atom_id res chain seq x y z
N ASP A 25 10.65 45.39 8.24
CA ASP A 25 10.11 45.64 6.90
C ASP A 25 8.59 45.72 6.94
N LYS A 26 7.93 45.05 5.99
CA LYS A 26 6.50 45.18 5.81
C LYS A 26 5.84 43.80 5.78
N GLU A 27 4.52 43.78 5.99
CA GLU A 27 3.72 42.56 6.09
C GLU A 27 3.35 42.01 4.71
N PRO A 28 3.45 40.69 4.52
CA PRO A 28 2.99 40.06 3.29
C PRO A 28 1.48 39.82 3.27
N SER A 29 0.91 39.89 2.07
CA SER A 29 -0.49 39.55 1.85
C SER A 29 -0.56 38.07 1.42
N ILE A 30 -1.17 37.24 2.25
CA ILE A 30 -1.17 35.79 2.06
C ILE A 30 -2.61 35.28 2.10
N GLU A 31 -2.97 34.44 1.13
CA GLU A 31 -4.28 33.80 1.08
C GLU A 31 -4.10 32.31 0.82
N LEU A 32 -4.79 31.49 1.62
CA LEU A 32 -4.71 30.04 1.51
C LEU A 32 -6.07 29.50 1.07
N PHE A 33 -6.06 28.66 0.04
CA PHE A 33 -7.28 28.08 -0.52
C PHE A 33 -7.33 26.61 -0.17
N ILE A 34 -8.46 26.16 0.36
CA ILE A 34 -8.63 24.77 0.76
C ILE A 34 -10.00 24.29 0.28
N LYS A 35 -10.12 22.97 0.15
CA LYS A 35 -11.33 22.36 -0.38
C LYS A 35 -12.52 22.69 0.53
N ALA A 36 -13.63 23.12 -0.09
CA ALA A 36 -14.83 23.44 0.67
C ALA A 36 -15.50 22.18 1.21
N GLY A 37 -15.69 21.19 0.35
CA GLY A 37 -16.31 19.95 0.80
C GLY A 37 -17.80 20.03 1.01
N HIS A 38 -18.49 18.95 0.64
CA HIS A 38 -19.95 18.77 0.84
C HIS A 38 -20.68 19.84 0.02
N ASP A 39 -21.58 20.60 0.60
CA ASP A 39 -22.47 21.57 -0.03
C ASP A 39 -21.78 22.86 -0.43
N GLY A 40 -20.46 22.92 -0.45
CA GLY A 40 -19.77 24.18 -0.61
C GLY A 40 -19.71 25.01 0.66
N GLU A 41 -20.23 24.50 1.76
CA GLU A 41 -20.21 25.19 3.05
C GLU A 41 -19.25 24.47 3.98
N ASN A 42 -18.61 25.24 4.86
CA ASN A 42 -17.63 24.73 5.82
C ASN A 42 -16.40 24.24 5.08
N VAL A 43 -15.46 23.63 5.80
CA VAL A 43 -14.21 23.15 5.21
C VAL A 43 -14.35 21.66 4.90
N GLY A 44 -13.78 21.24 3.75
CA GLY A 44 -13.83 19.84 3.35
C GLY A 44 -12.63 19.04 3.81
N ASN A 45 -12.68 17.74 3.54
CA ASN A 45 -11.64 16.82 4.00
C ASN A 45 -10.46 16.91 3.07
N CYS A 46 -9.35 17.48 3.54
CA CYS A 46 -8.10 17.47 2.78
C CYS A 46 -7.00 17.57 3.82
N PRO A 47 -6.31 16.45 4.12
CA PRO A 47 -5.26 16.48 5.15
C PRO A 47 -4.13 17.43 4.82
N PHE A 48 -3.73 17.50 3.55
CA PHE A 48 -2.66 18.40 3.15
C PHE A 48 -3.11 19.86 3.23
N CYS A 49 -4.41 20.11 3.04
CA CYS A 49 -4.94 21.46 3.18
C CYS A 49 -4.93 21.91 4.63
N GLN A 50 -5.34 21.04 5.55
CA GLN A 50 -5.24 21.35 6.97
C GLN A 50 -3.79 21.49 7.40
N ARG A 51 -2.89 20.71 6.81
CA ARG A 51 -1.48 20.77 7.18
C ARG A 51 -0.88 22.14 6.87
N LEU A 52 -1.18 22.68 5.69
CA LEU A 52 -0.73 24.04 5.38
C LEU A 52 -1.44 25.05 6.28
N PHE A 53 -2.70 24.77 6.63
CA PHE A 53 -3.46 25.62 7.54
C PHE A 53 -2.73 25.75 8.87
N MET A 54 -2.26 24.64 9.42
CA MET A 54 -1.54 24.66 10.69
C MET A 54 -0.20 25.37 10.57
N VAL A 55 0.50 25.18 9.45
CA VAL A 55 1.84 25.76 9.28
C VAL A 55 1.77 27.28 9.37
N LEU A 56 0.83 27.89 8.64
CA LEU A 56 0.69 29.34 8.68
C LEU A 56 0.26 29.81 10.05
N TRP A 57 -0.53 29.01 10.77
CA TRP A 57 -0.93 29.38 12.13
C TRP A 57 0.26 29.43 13.06
N LEU A 58 1.11 28.40 13.01
CA LEU A 58 2.28 28.35 13.88
C LEU A 58 3.24 29.50 13.59
N LYS A 59 3.31 29.94 12.34
CA LYS A 59 4.17 31.07 11.99
C LYS A 59 3.70 32.37 12.63
N GLY A 60 2.40 32.54 12.85
CA GLY A 60 1.87 33.75 13.43
C GLY A 60 1.70 34.89 12.45
N VAL A 61 1.95 34.65 11.16
CA VAL A 61 1.81 35.71 10.18
C VAL A 61 0.33 36.00 9.91
N LYS A 62 0.06 37.15 9.32
CA LYS A 62 -1.29 37.56 8.97
C LYS A 62 -1.64 36.92 7.63
N PHE A 63 -2.74 36.18 7.59
CA PHE A 63 -3.18 35.54 6.35
C PHE A 63 -4.67 35.31 6.45
N THR A 64 -5.26 34.97 5.31
CA THR A 64 -6.68 34.69 5.21
C THR A 64 -6.87 33.31 4.56
N VAL A 65 -8.01 32.71 4.84
CA VAL A 65 -8.35 31.38 4.32
C VAL A 65 -9.67 31.49 3.57
N THR A 66 -9.75 30.79 2.43
CA THR A 66 -10.95 30.79 1.59
C THR A 66 -11.38 29.36 1.34
N THR A 67 -12.66 29.08 1.56
CA THR A 67 -13.22 27.79 1.22
C THR A 67 -13.66 27.85 -0.24
N VAL A 68 -13.19 26.91 -1.04
CA VAL A 68 -13.33 26.97 -2.49
C VAL A 68 -13.97 25.68 -2.96
N ASP A 69 -15.13 25.79 -3.60
CA ASP A 69 -15.78 24.65 -4.22
C ASP A 69 -15.08 24.38 -5.55
N MET A 70 -14.90 23.09 -5.85
CA MET A 70 -14.15 22.71 -7.05
C MET A 70 -14.92 22.99 -8.33
N ARG A 71 -16.26 22.94 -8.27
CA ARG A 71 -17.04 23.08 -9.49
C ARG A 71 -16.96 24.48 -10.06
N LYS A 72 -17.02 25.49 -9.19
CA LYS A 72 -17.00 26.89 -9.60
C LYS A 72 -15.84 27.59 -8.90
N LYS A 73 -14.66 27.51 -9.52
CA LYS A 73 -13.48 28.13 -8.93
C LYS A 73 -13.62 29.65 -9.01
N PRO A 74 -13.31 30.38 -7.93
CA PRO A 74 -13.38 31.84 -7.97
C PRO A 74 -12.45 32.42 -9.03
N ALA A 75 -12.60 33.74 -9.23
CA ALA A 75 -11.92 34.41 -10.33
C ALA A 75 -10.41 34.26 -10.26
N GLU A 76 -9.84 34.34 -9.06
CA GLU A 76 -8.38 34.30 -8.93
C GLU A 76 -7.80 32.96 -9.37
N LEU A 77 -8.59 31.90 -9.39
CA LEU A 77 -8.14 30.58 -9.79
C LEU A 77 -8.35 30.31 -11.27
N LYS A 78 -8.68 31.34 -12.06
CA LYS A 78 -8.99 31.16 -13.48
C LYS A 78 -7.77 30.68 -14.27
N ASP A 79 -6.67 31.42 -14.18
CA ASP A 79 -5.58 31.26 -15.14
C ASP A 79 -4.80 29.95 -14.93
N LEU A 80 -4.60 29.54 -13.68
CA LEU A 80 -3.86 28.30 -13.38
C LEU A 80 -4.81 27.24 -12.86
N ALA A 81 -5.69 26.76 -13.73
CA ALA A 81 -6.64 25.70 -13.37
C ALA A 81 -6.76 24.69 -14.51
N PRO A 82 -5.83 23.72 -14.59
CA PRO A 82 -6.10 22.54 -15.42
C PRO A 82 -6.80 21.45 -14.61
N GLY A 83 -6.08 20.96 -13.61
CA GLY A 83 -6.55 19.95 -12.68
C GLY A 83 -5.87 20.12 -11.35
N THR A 84 -5.42 21.34 -11.06
CA THR A 84 -4.60 21.59 -9.88
C THR A 84 -5.34 21.28 -8.59
N ASN A 85 -4.60 20.78 -7.61
CA ASN A 85 -5.17 20.06 -6.47
C ASN A 85 -5.43 21.02 -5.31
N PRO A 86 -6.18 20.60 -4.27
CA PRO A 86 -6.82 21.60 -3.38
C PRO A 86 -5.88 22.59 -2.73
N PRO A 87 -4.70 22.20 -2.18
CA PRO A 87 -3.91 23.21 -1.46
C PRO A 87 -3.37 24.30 -2.38
N PHE A 88 -3.90 25.50 -2.27
CA PHE A 88 -3.48 26.65 -3.06
C PHE A 88 -2.99 27.73 -2.10
N LEU A 89 -1.93 28.42 -2.49
CA LEU A 89 -1.42 29.54 -1.72
C LEU A 89 -1.24 30.73 -2.66
N LEU A 90 -1.88 31.84 -2.32
CA LEU A 90 -1.74 33.09 -3.05
C LEU A 90 -0.88 34.01 -2.18
N TYR A 91 0.31 34.32 -2.65
CA TYR A 91 1.28 35.07 -1.86
C TYR A 91 1.68 36.33 -2.62
N ASN A 92 1.34 37.48 -2.06
CA ASN A 92 1.73 38.78 -2.61
C ASN A 92 1.32 38.88 -4.08
N GLY A 93 0.13 38.34 -4.39
CA GLY A 93 -0.38 38.34 -5.74
C GLY A 93 0.15 37.23 -6.64
N THR A 94 1.05 36.39 -6.15
CA THR A 94 1.65 35.32 -6.95
C THR A 94 1.08 33.98 -6.51
N LEU A 95 0.50 33.25 -7.46
CA LEU A 95 -0.06 31.94 -7.18
C LEU A 95 1.05 30.91 -6.97
N LYS A 96 0.81 29.98 -6.05
CA LYS A 96 1.75 28.92 -5.75
C LYS A 96 1.00 27.60 -5.65
N THR A 97 1.66 26.51 -6.05
CA THR A 97 1.05 25.19 -6.07
C THR A 97 2.07 24.17 -5.57
N ASP A 98 1.62 22.92 -5.44
CA ASP A 98 2.41 21.82 -4.86
C ASP A 98 2.72 22.12 -3.40
N PHE A 99 1.90 21.60 -2.49
CA PHE A 99 2.01 21.96 -1.08
C PHE A 99 3.40 21.67 -0.52
N ILE A 100 4.11 20.70 -1.09
CA ILE A 100 5.48 20.43 -0.64
C ILE A 100 6.39 21.61 -0.94
N LYS A 101 6.30 22.15 -2.16
CA LYS A 101 7.06 23.36 -2.48
C LYS A 101 6.62 24.51 -1.58
N ILE A 102 5.32 24.55 -1.26
CA ILE A 102 4.77 25.64 -0.45
C ILE A 102 5.28 25.56 0.98
N GLU A 103 5.39 24.36 1.54
CA GLU A 103 5.80 24.22 2.94
C GLU A 103 7.20 24.77 3.17
N GLU A 104 8.17 24.33 2.36
CA GLU A 104 9.53 24.85 2.53
C GLU A 104 9.57 26.34 2.23
N PHE A 105 8.80 26.77 1.24
CA PHE A 105 8.82 28.18 0.87
C PHE A 105 8.40 29.06 2.04
N LEU A 106 7.31 28.69 2.72
CA LEU A 106 6.87 29.46 3.89
C LEU A 106 7.91 29.40 4.99
N GLU A 107 8.54 28.24 5.18
CA GLU A 107 9.62 28.13 6.15
C GLU A 107 10.82 28.97 5.71
N GLN A 108 11.12 28.99 4.41
CA GLN A 108 12.22 29.81 3.90
C GLN A 108 11.88 31.30 4.00
N THR A 109 10.72 31.71 3.49
CA THR A 109 10.41 33.14 3.43
C THR A 109 10.17 33.74 4.81
N LEU A 110 9.63 32.96 5.74
CA LEU A 110 9.40 33.42 7.11
C LEU A 110 10.63 33.08 7.94
N ALA A 111 11.47 34.09 8.21
CA ALA A 111 12.79 33.86 8.76
C ALA A 111 12.76 33.75 10.28
N PRO A 112 13.75 33.11 10.87
CA PRO A 112 13.81 32.97 12.34
C PRO A 112 13.76 34.30 13.08
N PRO A 113 14.36 35.40 12.54
CA PRO A 113 14.28 36.69 13.27
C PRO A 113 12.87 37.09 13.71
N ARG A 114 11.93 37.16 12.76
CA ARG A 114 10.59 37.64 13.06
C ARG A 114 9.55 36.52 13.14
N TYR A 115 9.91 35.28 12.82
CA TYR A 115 8.98 34.17 12.76
C TYR A 115 9.66 32.90 13.23
N PRO A 116 8.91 31.93 13.75
CA PRO A 116 9.52 30.69 14.25
C PRO A 116 10.04 29.79 13.14
N HIS A 117 10.86 28.82 13.56
CA HIS A 117 11.38 27.76 12.71
C HIS A 117 10.72 26.45 13.13
N LEU A 118 9.87 25.92 12.26
CA LEU A 118 9.09 24.73 12.57
C LEU A 118 9.70 23.44 12.05
N SER A 119 10.80 23.52 11.31
CA SER A 119 11.44 22.31 10.80
C SER A 119 11.94 21.44 11.95
N PRO A 120 11.74 20.13 11.89
CA PRO A 120 12.17 19.26 12.99
C PRO A 120 13.66 18.93 12.93
N VAL A 121 14.25 18.80 14.12
CA VAL A 121 15.69 18.56 14.21
C VAL A 121 16.06 17.11 13.86
N ASN A 122 15.19 16.14 14.15
CA ASN A 122 15.46 14.74 13.85
C ASN A 122 14.67 14.31 12.63
N LYS A 123 15.35 13.71 11.65
CA LYS A 123 14.67 13.28 10.43
C LYS A 123 13.72 12.11 10.70
N GLU A 124 13.96 11.33 11.77
CA GLU A 124 13.07 10.21 12.04
C GLU A 124 11.66 10.70 12.36
N SER A 125 11.54 11.88 12.97
CA SER A 125 10.21 12.42 13.27
C SER A 125 9.37 12.49 12.01
N PHE A 126 9.98 12.88 10.89
CA PHE A 126 9.30 12.83 9.60
C PHE A 126 9.04 11.39 9.18
N ASP A 127 10.02 10.50 9.38
CA ASP A 127 9.98 9.17 8.80
C ASP A 127 8.93 8.27 9.47
N VAL A 128 8.70 8.41 10.78
CA VAL A 128 7.72 7.55 11.44
C VAL A 128 6.33 7.80 10.86
N GLY A 129 5.98 9.07 10.69
CA GLY A 129 4.70 9.40 10.10
C GLY A 129 4.76 9.60 8.60
N ALA A 130 4.99 8.52 7.86
CA ALA A 130 5.06 8.59 6.41
C ALA A 130 4.15 7.54 5.77
N ASP A 131 4.45 6.26 5.99
CA ASP A 131 3.70 5.17 5.39
C ASP A 131 2.37 4.90 6.09
N ILE A 132 2.12 5.50 7.26
CA ILE A 132 0.94 5.14 8.05
C ILE A 132 -0.34 5.48 7.29
N PHE A 133 -0.34 6.59 6.55
CA PHE A 133 -1.52 6.92 5.76
C PHE A 133 -1.69 5.93 4.62
N ALA A 134 -0.58 5.45 4.04
CA ALA A 134 -0.67 4.44 2.99
C ALA A 134 -1.22 3.12 3.55
N LYS A 135 -0.72 2.70 4.71
CA LYS A 135 -1.23 1.46 5.31
C LYS A 135 -2.70 1.60 5.67
N PHE A 136 -3.12 2.80 6.08
CA PHE A 136 -4.53 3.05 6.34
C PHE A 136 -5.33 3.09 5.04
N SER A 137 -4.77 3.69 3.98
CA SER A 137 -5.49 3.81 2.73
C SER A 137 -5.85 2.44 2.16
N ALA A 138 -4.93 1.48 2.22
CA ALA A 138 -5.27 0.12 1.82
C ALA A 138 -6.26 -0.50 2.79
N PHE A 139 -6.16 -0.17 4.07
CA PHE A 139 -7.07 -0.71 5.07
C PHE A 139 -8.49 -0.21 4.87
N ILE A 140 -8.67 1.11 4.74
CA ILE A 140 -10.02 1.67 4.64
C ILE A 140 -10.65 1.34 3.29
N LYS A 141 -9.84 1.18 2.24
CA LYS A 141 -10.34 0.63 0.99
C LYS A 141 -10.94 -0.73 1.26
N ASN A 142 -12.26 -0.80 1.36
CA ASN A 142 -12.90 -2.05 1.78
C ASN A 142 -12.54 -3.17 0.82
N SER A 143 -12.02 -4.25 1.38
CA SER A 143 -11.40 -5.32 0.61
C SER A 143 -11.33 -6.55 1.51
N PRO A 144 -11.22 -7.75 0.92
CA PRO A 144 -11.31 -8.96 1.75
C PRO A 144 -10.11 -9.22 2.64
N ASN A 145 -9.01 -8.49 2.44
CA ASN A 145 -7.73 -8.87 3.07
C ASN A 145 -7.76 -8.64 4.57
N ASN A 146 -8.55 -7.69 5.05
CA ASN A 146 -8.68 -7.15 6.41
C ASN A 146 -7.58 -7.53 7.40
N PRO A 147 -7.61 -8.68 8.14
CA PRO A 147 -6.76 -8.76 9.35
C PRO A 147 -5.28 -8.54 9.07
N LEU A 148 -4.79 -8.93 7.89
CA LEU A 148 -3.42 -8.61 7.53
C LEU A 148 -3.24 -7.10 7.40
N GLN A 149 -4.23 -6.41 6.83
CA GLN A 149 -4.16 -4.95 6.69
C GLN A 149 -4.22 -4.26 8.05
N GLU A 150 -5.19 -4.66 8.89
CA GLU A 150 -5.28 -4.07 10.22
C GLU A 150 -4.02 -4.35 11.03
N LYS A 151 -3.50 -5.57 10.94
CA LYS A 151 -2.22 -5.86 11.60
C LYS A 151 -1.12 -5.03 10.98
N ASN A 152 -1.15 -4.86 9.65
CA ASN A 152 -0.18 -3.99 8.98
C ASN A 152 -0.29 -2.57 9.50
N LEU A 153 -1.52 -2.09 9.70
CA LEU A 153 -1.72 -0.76 10.26
C LEU A 153 -1.32 -0.71 11.72
N LEU A 154 -1.69 -1.73 12.50
CA LEU A 154 -1.34 -1.77 13.92
C LEU A 154 0.17 -1.77 14.12
N ARG A 155 0.90 -2.50 13.28
CA ARG A 155 2.36 -2.46 13.35
C ARG A 155 2.87 -1.05 13.09
N GLU A 156 2.25 -0.33 12.15
CA GLU A 156 2.64 1.05 11.90
C GLU A 156 2.33 1.94 13.09
N PHE A 157 1.21 1.68 13.77
CA PHE A 157 0.87 2.44 14.96
C PHE A 157 1.86 2.16 16.09
N LYS A 158 2.24 0.90 16.27
CA LYS A 158 3.20 0.57 17.31
C LYS A 158 4.55 1.22 17.02
N ARG A 159 4.95 1.26 15.75
CA ARG A 159 6.17 1.97 15.38
C ARG A 159 6.08 3.44 15.78
N LEU A 160 4.91 4.05 15.57
CA LEU A 160 4.69 5.41 16.03
C LEU A 160 4.70 5.46 17.56
N ASP A 161 3.99 4.53 18.20
CA ASP A 161 3.94 4.49 19.66
C ASP A 161 5.32 4.20 20.24
N ASP A 162 6.03 3.22 19.68
CA ASP A 162 7.37 2.89 20.17
C ASP A 162 8.30 4.08 20.00
N TYR A 163 8.22 4.77 18.86
CA TYR A 163 9.03 5.97 18.66
C TYR A 163 8.64 7.06 19.65
N LEU A 164 7.33 7.27 19.85
CA LEU A 164 6.87 8.30 20.78
C LEU A 164 7.27 7.97 22.22
N ASN A 165 7.26 6.67 22.57
CA ASN A 165 7.66 6.26 23.91
C ASN A 165 9.17 6.41 24.12
N SER A 166 9.96 6.25 23.07
CA SER A 166 11.42 6.27 23.21
C SER A 166 11.93 7.70 23.34
N PRO A 167 12.77 8.01 24.32
CA PRO A 167 13.28 9.37 24.46
C PRO A 167 14.21 9.77 23.31
N LEU A 168 14.12 11.04 22.90
CA LEU A 168 14.94 11.56 21.81
C LEU A 168 16.40 11.78 22.20
N PRO A 169 17.33 11.98 21.21
CA PRO A 169 18.73 12.24 21.55
C PRO A 169 18.97 13.57 22.27
N GLU A 170 17.91 14.32 22.54
CA GLU A 170 18.03 15.53 23.34
C GLU A 170 17.63 15.34 24.79
N GLU A 171 17.05 14.18 25.16
CA GLU A 171 16.47 13.99 26.49
C GLU A 171 16.84 12.64 27.11
N ILE A 172 17.92 12.00 26.69
CA ILE A 172 18.21 10.65 27.17
C ILE A 172 18.51 10.66 28.67
N ASP A 173 19.36 11.58 29.12
CA ASP A 173 19.92 11.59 30.47
C ASP A 173 20.70 10.29 30.65
N HIS A 174 21.94 10.29 30.14
CA HIS A 174 22.76 9.08 30.10
C HIS A 174 23.09 8.55 31.50
N ASN A 175 23.30 9.45 32.47
CA ASN A 175 23.67 9.02 33.81
C ASN A 175 22.55 8.29 34.53
N SER A 176 21.30 8.46 34.12
CA SER A 176 20.18 7.93 34.88
C SER A 176 20.31 6.43 35.10
N VAL A 177 20.04 6.00 36.34
CA VAL A 177 20.08 4.60 36.72
C VAL A 177 18.68 3.99 36.72
N GLU A 178 17.66 4.81 36.41
CA GLU A 178 16.29 4.33 36.38
C GLU A 178 16.16 3.14 35.44
N THR A 179 15.46 2.10 35.89
CA THR A 179 15.26 0.93 35.05
C THR A 179 14.43 1.27 33.83
N ILE A 180 13.41 2.09 34.01
CA ILE A 180 12.45 2.43 32.97
C ILE A 180 12.47 3.95 32.79
N THR A 181 12.72 4.39 31.57
CA THR A 181 12.62 5.79 31.21
C THR A 181 11.66 5.89 30.04
N VAL A 182 10.58 6.65 30.22
CA VAL A 182 9.56 6.84 29.19
C VAL A 182 9.47 8.32 28.88
N SER A 183 9.52 8.65 27.60
CA SER A 183 9.52 10.04 27.18
C SER A 183 8.17 10.69 27.49
N ASN A 184 8.21 11.97 27.84
CA ASN A 184 7.00 12.73 28.12
C ASN A 184 6.88 13.94 27.19
N ARG A 185 7.58 13.90 26.06
CA ARG A 185 7.49 14.99 25.09
C ARG A 185 6.04 15.15 24.62
N LYS A 186 5.58 16.40 24.53
CA LYS A 186 4.19 16.62 24.17
C LYS A 186 3.92 16.22 22.72
N PHE A 187 4.90 16.42 21.83
CA PHE A 187 4.66 16.25 20.40
C PHE A 187 5.71 15.34 19.78
N LEU A 188 5.81 15.41 18.45
CA LEU A 188 6.65 14.46 17.72
C LEU A 188 8.13 14.74 17.91
N ASP A 189 8.55 16.01 17.75
CA ASP A 189 9.96 16.37 17.83
C ASP A 189 10.35 16.90 19.20
N GLY A 190 9.74 17.99 19.63
CA GLY A 190 10.03 18.56 20.93
C GLY A 190 8.75 18.82 21.69
N ASP A 191 8.77 19.88 22.51
CA ASP A 191 7.59 20.39 23.18
C ASP A 191 6.88 21.45 22.36
N ARG A 192 7.32 21.65 21.12
CA ARG A 192 6.73 22.60 20.20
C ARG A 192 6.28 21.86 18.95
N LEU A 193 5.20 22.34 18.35
CA LEU A 193 4.72 21.75 17.12
C LEU A 193 5.75 21.95 16.01
N THR A 194 5.87 20.95 15.15
CA THR A 194 6.83 20.99 14.06
C THR A 194 6.14 20.58 12.76
N LEU A 195 6.87 20.71 11.65
CA LEU A 195 6.32 20.35 10.35
C LEU A 195 5.96 18.87 10.28
N ALA A 196 6.70 18.03 11.01
CA ALA A 196 6.31 16.62 11.11
C ALA A 196 4.98 16.47 11.82
N ASP A 197 4.68 17.35 12.78
CA ASP A 197 3.38 17.33 13.43
C ASP A 197 2.29 17.80 12.47
N CYS A 198 2.58 18.84 11.66
CA CYS A 198 1.62 19.32 10.68
C CYS A 198 1.33 18.27 9.63
N ASN A 199 2.31 17.43 9.30
CA ASN A 199 2.07 16.35 8.34
C ASN A 199 1.27 15.23 8.99
N LEU A 200 1.69 14.78 10.18
CA LEU A 200 1.13 13.57 10.77
C LEU A 200 -0.26 13.79 11.35
N LEU A 201 -0.49 14.90 12.04
CA LEU A 201 -1.74 15.07 12.79
C LEU A 201 -2.97 15.09 11.89
N PRO A 202 -3.02 15.84 10.79
CA PRO A 202 -4.21 15.73 9.92
C PRO A 202 -4.44 14.34 9.38
N LYS A 203 -3.37 13.62 9.03
CA LYS A 203 -3.54 12.24 8.58
C LYS A 203 -4.07 11.35 9.69
N LEU A 204 -3.58 11.56 10.91
CA LEU A 204 -4.04 10.77 12.05
C LEU A 204 -5.52 11.01 12.33
N HIS A 205 -5.99 12.25 12.14
CA HIS A 205 -7.39 12.54 12.36
C HIS A 205 -8.26 11.76 11.40
N VAL A 206 -7.91 11.77 10.11
CA VAL A 206 -8.69 11.04 9.11
C VAL A 206 -8.72 9.55 9.41
N ILE A 207 -7.59 9.02 9.91
CA ILE A 207 -7.52 7.60 10.24
C ILE A 207 -8.54 7.23 11.32
N ARG A 208 -8.62 8.04 12.38
CA ARG A 208 -9.52 7.73 13.48
C ARG A 208 -10.98 7.84 13.05
N VAL A 209 -11.35 8.93 12.38
CA VAL A 209 -12.74 9.13 12.01
C VAL A 209 -13.18 8.07 11.00
N ALA A 210 -12.44 7.93 9.90
CA ALA A 210 -12.88 7.03 8.84
C ALA A 210 -12.89 5.57 9.29
N ALA A 211 -11.84 5.12 9.99
CA ALA A 211 -11.76 3.72 10.36
C ALA A 211 -12.85 3.33 11.35
N LYS A 212 -13.08 4.16 12.37
CA LYS A 212 -14.15 3.85 13.31
C LYS A 212 -15.50 3.88 12.62
N LYS A 213 -15.69 4.84 11.71
CA LYS A 213 -16.98 5.00 11.04
C LYS A 213 -17.26 3.81 10.11
N TYR A 214 -16.31 3.46 9.24
CA TYR A 214 -16.56 2.45 8.23
C TYR A 214 -15.97 1.08 8.56
N CYS A 215 -14.90 1.01 9.34
CA CYS A 215 -14.27 -0.27 9.64
C CYS A 215 -14.41 -0.69 11.10
N ASN A 216 -15.10 0.11 11.91
CA ASN A 216 -15.28 -0.19 13.34
C ASN A 216 -13.94 -0.39 14.04
N PHE A 217 -12.95 0.41 13.66
CA PHE A 217 -11.59 0.26 14.16
C PHE A 217 -11.28 1.45 15.06
N GLU A 218 -10.75 1.16 16.24
CA GLU A 218 -10.29 2.17 17.17
C GLU A 218 -8.82 1.91 17.47
N ILE A 219 -8.04 2.97 17.63
CA ILE A 219 -6.66 2.76 18.03
C ILE A 219 -6.66 2.09 19.40
N PRO A 220 -6.00 0.96 19.59
CA PRO A 220 -6.05 0.29 20.90
C PRO A 220 -5.49 1.21 21.98
N ASP A 221 -6.20 1.25 23.11
CA ASP A 221 -5.81 2.15 24.20
C ASP A 221 -4.48 1.75 24.83
N HIS A 222 -4.05 0.50 24.67
CA HIS A 222 -2.76 0.09 25.20
C HIS A 222 -1.60 0.76 24.49
N PHE A 223 -1.87 1.50 23.42
CA PHE A 223 -0.85 2.27 22.71
C PHE A 223 -0.71 3.63 23.43
N THR A 224 -0.07 3.56 24.60
CA THR A 224 -0.04 4.71 25.50
C THR A 224 0.64 5.91 24.85
N GLY A 225 1.67 5.68 24.04
CA GLY A 225 2.41 6.80 23.48
C GLY A 225 1.60 7.62 22.48
N VAL A 226 1.01 6.96 21.49
CA VAL A 226 0.24 7.67 20.48
C VAL A 226 -1.03 8.26 21.10
N TRP A 227 -1.65 7.54 22.04
CA TRP A 227 -2.82 8.09 22.71
C TRP A 227 -2.45 9.32 23.53
N ARG A 228 -1.29 9.30 24.19
CA ARG A 228 -0.83 10.51 24.83
C ARG A 228 -0.60 11.61 23.79
N TYR A 229 0.05 11.25 22.67
CA TYR A 229 0.32 12.22 21.61
C TYR A 229 -0.96 12.87 21.09
N LEU A 230 -2.00 12.07 20.86
CA LEU A 230 -3.25 12.65 20.37
C LEU A 230 -3.86 13.58 21.41
N LYS A 231 -3.73 13.23 22.69
CA LYS A 231 -4.31 14.06 23.75
C LYS A 231 -3.67 15.45 23.78
N ASN A 232 -2.34 15.54 23.67
CA ASN A 232 -1.70 16.85 23.66
C ASN A 232 -2.13 17.66 22.44
N ALA A 233 -2.44 16.99 21.33
CA ALA A 233 -2.82 17.70 20.11
C ALA A 233 -4.15 18.42 20.28
N ASP A 234 -5.15 17.71 20.81
CA ASP A 234 -6.48 18.31 21.01
C ASP A 234 -6.43 19.47 22.00
N GLU A 235 -5.43 19.52 22.88
CA GLU A 235 -5.30 20.62 23.83
C GLU A 235 -4.85 21.92 23.18
N ARG A 236 -4.48 21.90 21.90
CA ARG A 236 -3.97 23.07 21.21
C ARG A 236 -4.92 23.47 20.09
N ASP A 237 -5.21 24.77 19.99
CA ASP A 237 -6.18 25.27 19.02
C ASP A 237 -5.70 25.08 17.59
N GLU A 238 -4.38 25.16 17.38
CA GLU A 238 -3.83 25.10 16.03
C GLU A 238 -4.20 23.81 15.30
N PHE A 239 -4.36 22.72 16.04
CA PHE A 239 -4.75 21.45 15.43
C PHE A 239 -6.26 21.22 15.43
N LYS A 240 -6.89 21.31 16.59
CA LYS A 240 -8.31 20.96 16.70
C LYS A 240 -9.19 21.89 15.88
N GLN A 241 -8.90 23.20 15.92
CA GLN A 241 -9.71 24.18 15.23
C GLN A 241 -9.46 24.21 13.72
N THR A 242 -8.40 23.58 13.25
CA THR A 242 -8.16 23.45 11.82
C THR A 242 -8.71 22.14 11.26
N CYS A 243 -9.22 21.28 12.13
CA CYS A 243 -9.74 19.99 11.67
C CYS A 243 -11.07 20.18 10.96
N PRO A 244 -11.32 19.43 9.88
CA PRO A 244 -12.64 19.47 9.26
C PRO A 244 -13.68 18.82 10.17
N ALA A 245 -14.94 19.08 9.87
CA ALA A 245 -16.01 18.40 10.58
C ALA A 245 -15.93 16.90 10.34
N ASP A 246 -16.32 16.12 11.34
CA ASP A 246 -16.24 14.67 11.21
C ASP A 246 -17.01 14.19 9.99
N ILE A 247 -18.21 14.73 9.79
CA ILE A 247 -19.08 14.27 8.70
C ILE A 247 -18.38 14.45 7.35
N GLU A 248 -17.60 15.51 7.19
CA GLU A 248 -16.92 15.76 5.91
C GLU A 248 -15.94 14.65 5.57
N ILE A 249 -15.18 14.18 6.56
CA ILE A 249 -14.24 13.10 6.33
C ILE A 249 -14.97 11.80 6.00
N GLU A 250 -16.05 11.50 6.73
CA GLU A 250 -16.79 10.27 6.54
C GLU A 250 -17.35 10.17 5.13
N LYS A 251 -17.88 11.28 4.61
CA LYS A 251 -18.53 11.25 3.30
C LYS A 251 -17.53 11.01 2.19
N ALA A 252 -16.31 11.52 2.35
CA ALA A 252 -15.29 11.26 1.35
C ALA A 252 -14.95 9.78 1.29
N TYR A 253 -15.01 9.08 2.42
CA TYR A 253 -14.65 7.68 2.51
C TYR A 253 -15.86 6.74 2.43
N LEU A 254 -17.07 7.27 2.21
CA LEU A 254 -18.22 6.40 1.99
C LEU A 254 -18.06 5.62 0.69
N SER A 255 -17.53 6.29 -0.34
CA SER A 255 -17.35 5.65 -1.65
C SER A 255 -16.34 4.51 -1.59
N VAL A 256 -15.21 4.72 -0.91
CA VAL A 256 -14.13 3.73 -0.89
C VAL A 256 -14.53 2.42 -0.24
N ALA A 257 -15.65 2.38 0.48
CA ALA A 257 -16.17 1.19 1.12
C ALA A 257 -17.10 0.40 0.22
N ASN A 258 -17.30 0.86 -1.02
CA ASN A 258 -18.14 0.14 -1.98
C ASN A 258 -17.44 -1.13 -2.47
N ASP B 25 -29.38 -16.30 -1.62
CA ASP B 25 -28.42 -17.30 -1.19
C ASP B 25 -27.79 -16.92 0.15
N LYS B 26 -27.34 -17.92 0.89
CA LYS B 26 -26.60 -17.71 2.12
C LYS B 26 -25.13 -17.59 1.77
N GLU B 27 -24.56 -16.39 1.95
CA GLU B 27 -23.21 -16.07 1.54
C GLU B 27 -22.22 -17.09 2.10
N PRO B 28 -21.45 -17.77 1.25
CA PRO B 28 -20.59 -18.86 1.73
C PRO B 28 -19.61 -18.39 2.79
N SER B 29 -19.34 -19.29 3.75
CA SER B 29 -18.32 -19.07 4.76
C SER B 29 -17.01 -19.69 4.29
N ILE B 30 -16.00 -18.85 4.08
CA ILE B 30 -14.75 -19.27 3.46
C ILE B 30 -13.59 -18.88 4.35
N GLU B 31 -12.68 -19.83 4.58
CA GLU B 31 -11.44 -19.60 5.30
C GLU B 31 -10.30 -20.18 4.48
N LEU B 32 -9.25 -19.40 4.27
CA LEU B 32 -8.12 -19.81 3.45
C LEU B 32 -6.87 -19.92 4.33
N PHE B 33 -6.17 -21.03 4.18
CA PHE B 33 -4.98 -21.32 4.98
C PHE B 33 -3.74 -21.21 4.10
N ILE B 34 -2.74 -20.48 4.56
CA ILE B 34 -1.50 -20.28 3.82
C ILE B 34 -0.33 -20.44 4.77
N LYS B 35 0.83 -20.80 4.20
CA LYS B 35 2.02 -21.04 4.99
C LYS B 35 2.45 -19.77 5.73
N ALA B 36 2.74 -19.91 7.01
CA ALA B 36 3.23 -18.79 7.80
C ALA B 36 4.65 -18.44 7.39
N GLY B 37 5.12 -17.27 7.83
CA GLY B 37 6.45 -16.80 7.51
C GLY B 37 7.43 -16.98 8.66
N HIS B 38 8.64 -17.40 8.32
CA HIS B 38 9.81 -17.58 9.20
C HIS B 38 9.51 -17.45 10.69
N ASP B 39 9.14 -16.25 11.11
CA ASP B 39 8.86 -15.97 12.52
C ASP B 39 7.58 -16.62 13.03
N GLY B 40 6.90 -17.40 12.20
CA GLY B 40 5.53 -17.79 12.48
C GLY B 40 4.54 -16.66 12.41
N GLU B 41 5.00 -15.45 12.12
CA GLU B 41 4.18 -14.26 11.97
C GLU B 41 4.22 -13.79 10.53
N ASN B 42 3.12 -13.15 10.10
CA ASN B 42 2.99 -12.62 8.73
C ASN B 42 2.87 -13.75 7.72
N VAL B 43 2.94 -13.41 6.44
CA VAL B 43 2.72 -14.39 5.37
C VAL B 43 4.04 -14.99 4.93
N GLY B 44 4.01 -16.31 4.67
CA GLY B 44 5.19 -17.02 4.23
C GLY B 44 5.30 -17.12 2.71
N ASN B 45 6.43 -17.64 2.26
CA ASN B 45 6.70 -17.79 0.83
C ASN B 45 6.02 -19.05 0.32
N CYS B 46 4.96 -18.87 -0.47
CA CYS B 46 4.31 -19.97 -1.16
C CYS B 46 3.61 -19.40 -2.39
N PRO B 47 4.18 -19.56 -3.58
CA PRO B 47 3.54 -18.99 -4.78
C PRO B 47 2.17 -19.57 -5.05
N PHE B 48 2.00 -20.87 -4.84
CA PHE B 48 0.71 -21.51 -5.08
C PHE B 48 -0.31 -21.06 -4.04
N CYS B 49 0.13 -20.76 -2.82
CA CYS B 49 -0.79 -20.23 -1.81
C CYS B 49 -1.24 -18.82 -2.16
N GLN B 50 -0.29 -17.97 -2.58
CA GLN B 50 -0.64 -16.62 -3.01
C GLN B 50 -1.52 -16.66 -4.25
N ARG B 51 -1.32 -17.66 -5.11
CA ARG B 51 -2.12 -17.77 -6.33
C ARG B 51 -3.60 -17.93 -6.00
N LEU B 52 -3.92 -18.78 -5.00
CA LEU B 52 -5.30 -18.90 -4.55
C LEU B 52 -5.79 -17.61 -3.89
N PHE B 53 -4.91 -16.91 -3.19
CA PHE B 53 -5.28 -15.64 -2.56
C PHE B 53 -5.79 -14.66 -3.61
N MET B 54 -5.07 -14.54 -4.72
CA MET B 54 -5.49 -13.63 -5.79
C MET B 54 -6.81 -14.07 -6.40
N VAL B 55 -7.03 -15.38 -6.52
CA VAL B 55 -8.25 -15.89 -7.15
C VAL B 55 -9.47 -15.44 -6.36
N LEU B 56 -9.44 -15.62 -5.03
CA LEU B 56 -10.58 -15.22 -4.21
C LEU B 56 -10.78 -13.71 -4.21
N TRP B 57 -9.69 -12.93 -4.29
CA TRP B 57 -9.81 -11.48 -4.30
C TRP B 57 -10.53 -11.00 -5.55
N LEU B 58 -10.15 -11.52 -6.72
CA LEU B 58 -10.77 -11.11 -7.97
C LEU B 58 -12.25 -11.47 -7.99
N LYS B 59 -12.63 -12.58 -7.36
CA LYS B 59 -14.04 -12.97 -7.33
C LYS B 59 -14.86 -11.97 -6.52
N GLY B 60 -14.24 -11.31 -5.54
CA GLY B 60 -14.94 -10.34 -4.72
C GLY B 60 -15.72 -10.93 -3.57
N VAL B 61 -15.65 -12.26 -3.36
CA VAL B 61 -16.39 -12.86 -2.26
C VAL B 61 -15.72 -12.49 -0.94
N LYS B 62 -16.49 -12.60 0.14
CA LYS B 62 -15.99 -12.31 1.48
C LYS B 62 -15.38 -13.57 2.07
N PHE B 63 -14.14 -13.47 2.55
CA PHE B 63 -13.43 -14.62 3.08
C PHE B 63 -12.41 -14.16 4.12
N THR B 64 -11.85 -15.15 4.82
CA THR B 64 -10.86 -14.93 5.86
C THR B 64 -9.61 -15.73 5.56
N VAL B 65 -8.48 -15.26 6.07
CA VAL B 65 -7.18 -15.90 5.86
C VAL B 65 -6.54 -16.18 7.20
N THR B 66 -5.88 -17.34 7.31
CA THR B 66 -5.22 -17.75 8.53
C THR B 66 -3.78 -18.15 8.23
N THR B 67 -2.85 -17.64 9.05
CA THR B 67 -1.45 -18.01 8.92
C THR B 67 -1.17 -19.31 9.65
N VAL B 68 -0.52 -20.26 8.97
CA VAL B 68 -0.37 -21.61 9.47
C VAL B 68 1.12 -21.97 9.48
N ASP B 69 1.66 -22.23 10.66
CA ASP B 69 3.03 -22.72 10.80
C ASP B 69 3.02 -24.22 10.56
N MET B 70 3.92 -24.69 9.70
CA MET B 70 3.93 -26.10 9.31
C MET B 70 4.53 -27.01 10.39
N ARG B 71 4.52 -26.59 11.64
CA ARG B 71 4.97 -27.41 12.76
C ARG B 71 3.88 -27.64 13.79
N LYS B 72 3.09 -26.62 14.11
CA LYS B 72 2.02 -26.69 15.11
C LYS B 72 0.71 -26.50 14.35
N LYS B 73 0.16 -27.60 13.84
CA LYS B 73 -1.05 -27.54 13.04
C LYS B 73 -2.26 -27.14 13.88
N PRO B 74 -3.09 -26.20 13.43
CA PRO B 74 -4.31 -25.86 14.17
C PRO B 74 -5.27 -27.05 14.24
N ALA B 75 -6.31 -26.89 15.07
CA ALA B 75 -7.23 -27.99 15.34
C ALA B 75 -7.95 -28.44 14.07
N GLU B 76 -8.42 -27.48 13.26
CA GLU B 76 -9.21 -27.83 12.08
C GLU B 76 -8.41 -28.59 11.04
N LEU B 77 -7.08 -28.53 11.09
CA LEU B 77 -6.25 -29.26 10.13
C LEU B 77 -5.93 -30.64 10.69
N LYS B 78 -4.75 -30.78 11.29
CA LYS B 78 -4.21 -32.01 11.90
C LYS B 78 -4.76 -33.33 11.34
N ASP B 79 -6.09 -33.47 11.31
CA ASP B 79 -6.69 -34.78 11.04
C ASP B 79 -6.44 -35.23 9.61
N LEU B 80 -6.50 -34.29 8.65
CA LEU B 80 -6.24 -34.65 7.26
C LEU B 80 -4.94 -34.01 6.80
N ALA B 81 -3.82 -34.40 7.41
CA ALA B 81 -2.51 -33.90 7.05
C ALA B 81 -1.48 -35.03 7.06
N PRO B 82 -1.42 -35.82 5.99
CA PRO B 82 -0.25 -36.69 5.79
C PRO B 82 0.75 -36.11 4.80
N GLY B 83 1.36 -34.99 5.16
CA GLY B 83 2.31 -34.33 4.28
C GLY B 83 1.67 -33.50 3.20
N THR B 84 0.40 -33.12 3.38
CA THR B 84 -0.31 -32.32 2.38
C THR B 84 0.34 -30.94 2.25
N ASN B 85 0.24 -30.36 1.06
CA ASN B 85 0.99 -29.15 0.77
C ASN B 85 0.23 -27.93 1.29
N PRO B 86 0.92 -26.79 1.46
CA PRO B 86 0.39 -25.72 2.33
C PRO B 86 -0.99 -25.22 1.93
N PRO B 87 -1.27 -24.97 0.61
CA PRO B 87 -2.53 -24.28 0.29
C PRO B 87 -3.78 -25.08 0.64
N PHE B 88 -4.51 -24.59 1.64
CA PHE B 88 -5.73 -25.22 2.14
C PHE B 88 -6.91 -24.27 2.01
N LEU B 89 -8.07 -24.82 1.65
CA LEU B 89 -9.30 -24.04 1.60
C LEU B 89 -10.40 -24.79 2.34
N LEU B 90 -11.01 -24.13 3.33
CA LEU B 90 -12.15 -24.67 4.06
C LEU B 90 -13.39 -23.91 3.60
N TYR B 91 -14.31 -24.61 2.94
CA TYR B 91 -15.45 -24.00 2.29
C TYR B 91 -16.74 -24.57 2.87
N ASN B 92 -17.53 -23.70 3.53
CA ASN B 92 -18.84 -24.07 4.07
C ASN B 92 -18.74 -25.30 4.98
N GLY B 93 -17.69 -25.36 5.78
CA GLY B 93 -17.47 -26.50 6.65
C GLY B 93 -16.83 -27.69 5.97
N THR B 94 -16.59 -27.62 4.67
CA THR B 94 -16.00 -28.72 3.91
C THR B 94 -14.55 -28.37 3.58
N LEU B 95 -13.63 -29.19 4.09
CA LEU B 95 -12.22 -28.97 3.81
C LEU B 95 -11.88 -29.45 2.40
N LYS B 96 -10.97 -28.71 1.75
CA LYS B 96 -10.55 -29.05 0.40
C LYS B 96 -9.04 -28.98 0.28
N THR B 97 -8.50 -29.80 -0.62
CA THR B 97 -7.07 -29.89 -0.88
C THR B 97 -6.86 -29.96 -2.39
N ASP B 98 -5.60 -29.96 -2.80
CA ASP B 98 -5.21 -29.88 -4.21
C ASP B 98 -5.67 -28.55 -4.78
N PHE B 99 -4.78 -27.56 -4.79
CA PHE B 99 -5.16 -26.20 -5.19
C PHE B 99 -5.69 -26.16 -6.61
N ILE B 100 -5.26 -27.09 -7.46
CA ILE B 100 -5.77 -27.14 -8.83
C ILE B 100 -7.25 -27.48 -8.83
N LYS B 101 -7.63 -28.49 -8.04
CA LYS B 101 -9.05 -28.81 -7.89
C LYS B 101 -9.81 -27.67 -7.24
N ILE B 102 -9.16 -26.98 -6.29
CA ILE B 102 -9.82 -25.88 -5.59
C ILE B 102 -10.07 -24.72 -6.55
N GLU B 103 -9.10 -24.44 -7.43
CA GLU B 103 -9.26 -23.35 -8.39
C GLU B 103 -10.46 -23.61 -9.29
N GLU B 104 -10.56 -24.84 -9.81
CA GLU B 104 -11.72 -25.20 -10.62
C GLU B 104 -13.01 -25.11 -9.82
N PHE B 105 -12.96 -25.48 -8.53
CA PHE B 105 -14.15 -25.42 -7.69
C PHE B 105 -14.61 -23.98 -7.51
N LEU B 106 -13.68 -23.07 -7.18
CA LEU B 106 -14.05 -21.67 -6.99
C LEU B 106 -14.54 -21.02 -8.27
N GLU B 107 -13.90 -21.32 -9.40
CA GLU B 107 -14.35 -20.74 -10.67
C GLU B 107 -15.73 -21.27 -11.06
N GLN B 108 -15.97 -22.56 -10.87
CA GLN B 108 -17.28 -23.13 -11.17
C GLN B 108 -18.34 -22.66 -10.18
N THR B 109 -18.07 -22.82 -8.88
CA THR B 109 -19.09 -22.52 -7.88
C THR B 109 -19.40 -21.03 -7.79
N LEU B 110 -18.39 -20.18 -7.97
CA LEU B 110 -18.63 -18.74 -8.01
C LEU B 110 -18.87 -18.41 -9.47
N ALA B 111 -20.14 -18.35 -9.85
CA ALA B 111 -20.66 -18.35 -11.21
C ALA B 111 -20.79 -16.95 -11.78
N PRO B 112 -20.89 -16.83 -13.10
CA PRO B 112 -21.06 -15.52 -13.74
C PRO B 112 -22.23 -14.71 -13.21
N PRO B 113 -23.35 -15.33 -12.79
CA PRO B 113 -24.45 -14.50 -12.24
C PRO B 113 -24.04 -13.48 -11.18
N ARG B 114 -23.39 -13.90 -10.10
CA ARG B 114 -23.02 -12.98 -9.04
C ARG B 114 -21.51 -12.78 -8.92
N TYR B 115 -20.72 -13.58 -9.60
CA TYR B 115 -19.27 -13.55 -9.48
C TYR B 115 -18.63 -13.48 -10.86
N PRO B 116 -17.43 -12.89 -10.98
CA PRO B 116 -16.79 -12.82 -12.29
C PRO B 116 -16.25 -14.18 -12.71
N HIS B 117 -15.95 -14.30 -14.00
CA HIS B 117 -15.33 -15.48 -14.57
C HIS B 117 -13.92 -15.11 -15.00
N LEU B 118 -12.92 -15.66 -14.30
CA LEU B 118 -11.53 -15.31 -14.52
C LEU B 118 -10.82 -16.23 -15.49
N SER B 119 -11.49 -17.25 -16.01
CA SER B 119 -10.85 -18.15 -16.94
C SER B 119 -10.38 -17.38 -18.17
N PRO B 120 -9.17 -17.63 -18.66
CA PRO B 120 -8.67 -16.85 -19.79
C PRO B 120 -9.27 -17.33 -21.11
N VAL B 121 -9.48 -16.37 -22.00
CA VAL B 121 -10.11 -16.70 -23.29
C VAL B 121 -9.12 -17.41 -24.21
N ASN B 122 -7.82 -17.11 -24.10
CA ASN B 122 -6.81 -17.77 -24.91
C ASN B 122 -6.04 -18.76 -24.04
N LYS B 123 -5.95 -20.01 -24.50
CA LYS B 123 -5.22 -21.03 -23.75
C LYS B 123 -3.73 -20.73 -23.70
N GLU B 124 -3.22 -19.94 -24.65
CA GLU B 124 -1.80 -19.62 -24.68
C GLU B 124 -1.36 -18.88 -23.43
N SER B 125 -2.26 -18.08 -22.85
CA SER B 125 -1.93 -17.35 -21.63
C SER B 125 -1.48 -18.28 -20.51
N PHE B 126 -2.15 -19.43 -20.39
CA PHE B 126 -1.71 -20.43 -19.41
C PHE B 126 -0.37 -21.05 -19.81
N ASP B 127 -0.21 -21.35 -21.10
CA ASP B 127 0.93 -22.16 -21.54
C ASP B 127 2.25 -21.40 -21.49
N VAL B 128 2.25 -20.08 -21.71
CA VAL B 128 3.50 -19.33 -21.71
C VAL B 128 4.14 -19.39 -20.32
N GLY B 129 3.34 -19.23 -19.27
CA GLY B 129 3.87 -19.31 -17.92
C GLY B 129 3.78 -20.70 -17.33
N ALA B 130 4.61 -21.61 -17.83
CA ALA B 130 4.59 -22.99 -17.35
C ALA B 130 6.00 -23.44 -16.97
N ASP B 131 6.88 -23.49 -17.95
CA ASP B 131 8.24 -23.94 -17.74
C ASP B 131 9.12 -22.91 -17.04
N ILE B 132 8.64 -21.67 -16.88
CA ILE B 132 9.51 -20.61 -16.39
C ILE B 132 9.94 -20.85 -14.95
N PHE B 133 9.04 -21.37 -14.10
CA PHE B 133 9.42 -21.66 -12.72
C PHE B 133 10.38 -22.84 -12.65
N ALA B 134 10.20 -23.83 -13.52
CA ALA B 134 11.12 -24.96 -13.54
C ALA B 134 12.52 -24.54 -13.95
N LYS B 135 12.62 -23.71 -14.99
CA LYS B 135 13.92 -23.23 -15.43
C LYS B 135 14.60 -22.37 -14.37
N PHE B 136 13.82 -21.60 -13.61
CA PHE B 136 14.41 -20.82 -12.52
C PHE B 136 14.87 -21.71 -11.39
N SER B 137 14.10 -22.74 -11.07
CA SER B 137 14.46 -23.64 -9.97
C SER B 137 15.78 -24.33 -10.26
N ALA B 138 16.00 -24.75 -11.51
CA ALA B 138 17.29 -25.29 -11.89
C ALA B 138 18.39 -24.23 -11.84
N PHE B 139 18.05 -22.98 -12.16
CA PHE B 139 19.04 -21.91 -12.14
C PHE B 139 19.52 -21.64 -10.71
N ILE B 140 18.59 -21.51 -9.76
CA ILE B 140 18.96 -21.18 -8.39
C ILE B 140 19.69 -22.34 -7.72
N LYS B 141 19.42 -23.57 -8.13
CA LYS B 141 20.00 -24.74 -7.47
C LYS B 141 21.37 -25.10 -8.02
N ASN B 142 21.59 -24.90 -9.32
CA ASN B 142 22.87 -25.22 -9.92
C ASN B 142 23.86 -24.06 -9.75
N SER B 143 25.14 -24.39 -9.85
CA SER B 143 26.18 -23.39 -9.74
C SER B 143 26.10 -22.40 -10.90
N PRO B 144 26.44 -21.12 -10.66
CA PRO B 144 26.36 -20.14 -11.75
C PRO B 144 27.43 -20.32 -12.82
N ASN B 145 28.38 -21.22 -12.62
CA ASN B 145 29.39 -21.50 -13.64
C ASN B 145 28.83 -22.28 -14.82
N ASN B 146 27.54 -22.61 -14.81
CA ASN B 146 26.92 -23.34 -15.90
C ASN B 146 26.21 -22.35 -16.80
N PRO B 147 26.69 -22.09 -18.02
CA PRO B 147 26.04 -21.10 -18.88
C PRO B 147 24.64 -21.48 -19.31
N LEU B 148 24.33 -22.78 -19.39
CA LEU B 148 22.98 -23.22 -19.77
C LEU B 148 21.91 -22.74 -18.81
N GLN B 149 22.25 -22.62 -17.52
CA GLN B 149 21.23 -22.31 -16.52
C GLN B 149 20.58 -20.96 -16.79
N GLU B 150 21.39 -19.91 -16.93
CA GLU B 150 20.84 -18.60 -17.27
C GLU B 150 20.25 -18.58 -18.67
N LYS B 151 20.93 -19.23 -19.62
CA LYS B 151 20.47 -19.23 -21.01
C LYS B 151 19.10 -19.91 -21.14
N ASN B 152 18.89 -21.02 -20.43
CA ASN B 152 17.57 -21.65 -20.45
C ASN B 152 16.51 -20.74 -19.87
N LEU B 153 16.83 -20.04 -18.77
CA LEU B 153 15.89 -19.10 -18.20
C LEU B 153 15.68 -17.89 -19.10
N LEU B 154 16.77 -17.35 -19.66
CA LEU B 154 16.65 -16.19 -20.54
C LEU B 154 15.76 -16.50 -21.76
N ARG B 155 15.91 -17.70 -22.33
CA ARG B 155 15.03 -18.11 -23.41
C ARG B 155 13.57 -18.16 -22.95
N GLU B 156 13.34 -18.62 -21.72
CA GLU B 156 11.99 -18.68 -21.19
C GLU B 156 11.39 -17.29 -21.01
N PHE B 157 12.23 -16.31 -20.63
CA PHE B 157 11.75 -14.94 -20.49
C PHE B 157 11.35 -14.35 -21.83
N LYS B 158 12.13 -14.63 -22.87
CA LYS B 158 11.81 -14.09 -24.19
C LYS B 158 10.45 -14.59 -24.69
N ARG B 159 10.12 -15.85 -24.40
CA ARG B 159 8.80 -16.36 -24.79
C ARG B 159 7.68 -15.55 -24.15
N LEU B 160 7.83 -15.24 -22.86
CA LEU B 160 6.84 -14.40 -22.19
C LEU B 160 6.84 -12.98 -22.77
N ASP B 161 8.03 -12.39 -22.91
CA ASP B 161 8.12 -11.03 -23.43
C ASP B 161 7.61 -10.94 -24.86
N ASP B 162 8.00 -11.88 -25.71
CA ASP B 162 7.53 -11.89 -27.09
C ASP B 162 6.01 -12.06 -27.15
N TYR B 163 5.46 -12.93 -26.31
CA TYR B 163 4.02 -13.11 -26.26
C TYR B 163 3.32 -11.85 -25.77
N LEU B 164 3.86 -11.21 -24.73
CA LEU B 164 3.24 -10.00 -24.21
C LEU B 164 3.28 -8.87 -25.24
N ASN B 165 4.34 -8.82 -26.05
CA ASN B 165 4.43 -7.82 -27.10
C ASN B 165 3.46 -8.11 -28.23
N SER B 166 3.15 -9.40 -28.48
CA SER B 166 2.31 -9.78 -29.61
C SER B 166 0.85 -9.54 -29.28
N PRO B 167 0.10 -8.87 -30.16
CA PRO B 167 -1.32 -8.59 -29.87
C PRO B 167 -2.18 -9.85 -29.90
N LEU B 168 -3.18 -9.86 -29.02
CA LEU B 168 -4.11 -10.98 -28.95
C LEU B 168 -5.02 -10.98 -30.17
N PRO B 169 -5.70 -12.11 -30.46
CA PRO B 169 -6.67 -12.12 -31.55
C PRO B 169 -7.89 -11.24 -31.33
N GLU B 170 -7.99 -10.54 -30.20
CA GLU B 170 -9.07 -9.61 -29.94
C GLU B 170 -8.67 -8.15 -30.19
N GLU B 171 -7.49 -7.92 -30.75
CA GLU B 171 -6.99 -6.57 -30.95
C GLU B 171 -6.17 -6.45 -32.24
N ILE B 172 -6.39 -7.35 -33.20
CA ILE B 172 -5.57 -7.37 -34.41
C ILE B 172 -5.77 -6.11 -35.22
N ASP B 173 -7.03 -5.78 -35.53
CA ASP B 173 -7.36 -4.71 -36.45
C ASP B 173 -6.69 -4.94 -37.81
N HIS B 174 -7.22 -5.85 -38.63
CA HIS B 174 -6.58 -6.16 -39.90
C HIS B 174 -6.57 -4.98 -40.85
N ASN B 175 -7.56 -4.08 -40.74
CA ASN B 175 -7.64 -2.93 -41.63
C ASN B 175 -6.47 -1.97 -41.42
N SER B 176 -5.85 -1.99 -40.23
CA SER B 176 -4.79 -1.06 -39.92
C SER B 176 -3.60 -1.25 -40.85
N VAL B 177 -3.08 -0.13 -41.36
CA VAL B 177 -1.89 -0.13 -42.20
C VAL B 177 -0.64 0.29 -41.46
N GLU B 178 -0.74 0.56 -40.15
CA GLU B 178 0.39 1.05 -39.36
C GLU B 178 1.61 0.14 -39.51
N THR B 179 2.78 0.78 -39.65
CA THR B 179 4.02 0.03 -39.84
C THR B 179 4.34 -0.85 -38.65
N ILE B 180 4.18 -0.33 -37.44
CA ILE B 180 4.53 -1.05 -36.21
C ILE B 180 3.29 -1.12 -35.33
N THR B 181 2.90 -2.32 -34.94
CA THR B 181 1.84 -2.53 -33.96
C THR B 181 2.39 -3.39 -32.84
N VAL B 182 2.40 -2.84 -31.63
CA VAL B 182 2.86 -3.52 -30.42
C VAL B 182 1.72 -3.49 -29.42
N SER B 183 1.45 -4.63 -28.79
CA SER B 183 0.34 -4.70 -27.84
C SER B 183 0.61 -3.81 -26.64
N ASN B 184 -0.46 -3.18 -26.13
CA ASN B 184 -0.37 -2.31 -24.97
C ASN B 184 -1.30 -2.81 -23.86
N ARG B 185 -1.67 -4.08 -23.91
CA ARG B 185 -2.55 -4.68 -22.92
C ARG B 185 -1.93 -4.57 -21.52
N LYS B 186 -2.81 -4.68 -20.52
CA LYS B 186 -2.38 -4.57 -19.14
C LYS B 186 -1.81 -5.90 -18.62
N PHE B 187 -2.43 -7.01 -18.99
CA PHE B 187 -2.12 -8.31 -18.37
C PHE B 187 -2.01 -9.35 -19.48
N LEU B 188 -2.14 -10.63 -19.11
CA LEU B 188 -1.84 -11.71 -20.04
C LEU B 188 -2.89 -11.81 -21.14
N ASP B 189 -4.17 -11.79 -20.78
CA ASP B 189 -5.23 -11.97 -21.77
C ASP B 189 -5.79 -10.64 -22.28
N GLY B 190 -6.34 -9.83 -21.38
CA GLY B 190 -6.92 -8.56 -21.73
C GLY B 190 -6.35 -7.46 -20.85
N ASP B 191 -7.20 -6.48 -20.56
CA ASP B 191 -6.87 -5.43 -19.60
C ASP B 191 -7.27 -5.78 -18.18
N ARG B 192 -7.74 -7.01 -17.95
CA ARG B 192 -8.14 -7.47 -16.63
C ARG B 192 -7.39 -8.75 -16.29
N LEU B 193 -7.15 -8.94 -14.99
CA LEU B 193 -6.47 -10.13 -14.50
C LEU B 193 -7.28 -11.39 -14.78
N THR B 194 -6.57 -12.49 -15.04
CA THR B 194 -7.17 -13.78 -15.35
C THR B 194 -6.50 -14.86 -14.51
N LEU B 195 -7.03 -16.08 -14.62
CA LEU B 195 -6.47 -17.21 -13.88
C LEU B 195 -5.02 -17.48 -14.28
N ALA B 196 -4.68 -17.23 -15.54
CA ALA B 196 -3.28 -17.33 -15.95
C ALA B 196 -2.43 -16.27 -15.27
N ASP B 197 -2.99 -15.09 -15.03
CA ASP B 197 -2.27 -14.05 -14.30
C ASP B 197 -2.08 -14.43 -12.84
N CYS B 198 -3.11 -15.02 -12.22
CA CYS B 198 -3.00 -15.47 -10.84
C CYS B 198 -1.96 -16.57 -10.68
N ASN B 199 -1.80 -17.41 -11.70
CA ASN B 199 -0.78 -18.46 -11.65
C ASN B 199 0.61 -17.89 -11.82
N LEU B 200 0.81 -17.05 -12.85
CA LEU B 200 2.16 -16.63 -13.25
C LEU B 200 2.76 -15.59 -12.30
N LEU B 201 1.95 -14.62 -11.85
CA LEU B 201 2.52 -13.49 -11.12
C LEU B 201 3.20 -13.89 -9.81
N PRO B 202 2.63 -14.75 -8.96
CA PRO B 202 3.39 -15.17 -7.76
C PRO B 202 4.71 -15.84 -8.10
N LYS B 203 4.75 -16.63 -9.18
CA LYS B 203 6.00 -17.24 -9.60
C LYS B 203 7.01 -16.18 -10.02
N LEU B 204 6.56 -15.14 -10.72
CA LEU B 204 7.46 -14.07 -11.16
C LEU B 204 8.03 -13.31 -9.97
N HIS B 205 7.24 -13.10 -8.93
CA HIS B 205 7.73 -12.38 -7.76
C HIS B 205 8.86 -13.15 -7.07
N VAL B 206 8.67 -14.45 -6.87
CA VAL B 206 9.70 -15.27 -6.25
C VAL B 206 10.97 -15.26 -7.10
N ILE B 207 10.81 -15.28 -8.42
CA ILE B 207 11.97 -15.20 -9.32
C ILE B 207 12.72 -13.91 -9.09
N ARG B 208 12.00 -12.79 -8.97
CA ARG B 208 12.63 -11.49 -8.81
C ARG B 208 13.40 -11.41 -7.49
N VAL B 209 12.77 -11.82 -6.39
CA VAL B 209 13.41 -11.72 -5.09
C VAL B 209 14.60 -12.66 -4.98
N ALA B 210 14.38 -13.95 -5.23
CA ALA B 210 15.42 -14.95 -4.98
C ALA B 210 16.62 -14.77 -5.90
N ALA B 211 16.38 -14.55 -7.20
CA ALA B 211 17.48 -14.47 -8.16
C ALA B 211 18.35 -13.25 -7.92
N LYS B 212 17.74 -12.10 -7.59
CA LYS B 212 18.51 -10.89 -7.39
C LYS B 212 19.52 -11.02 -6.25
N LYS B 213 19.09 -11.59 -5.12
CA LYS B 213 19.97 -11.70 -3.97
C LYS B 213 21.02 -12.79 -4.18
N TYR B 214 20.60 -13.97 -4.63
CA TYR B 214 21.44 -15.16 -4.65
C TYR B 214 22.14 -15.45 -5.97
N CYS B 215 21.60 -15.00 -7.11
CA CYS B 215 22.18 -15.34 -8.40
C CYS B 215 22.80 -14.15 -9.11
N ASN B 216 22.81 -12.97 -8.49
CA ASN B 216 23.32 -11.76 -9.12
C ASN B 216 22.65 -11.52 -10.47
N PHE B 217 21.40 -11.92 -10.58
CA PHE B 217 20.64 -11.86 -11.83
C PHE B 217 19.44 -10.94 -11.67
N GLU B 218 19.28 -10.04 -12.63
CA GLU B 218 18.11 -9.19 -12.71
C GLU B 218 17.48 -9.34 -14.09
N ILE B 219 16.16 -9.22 -14.14
CA ILE B 219 15.47 -9.32 -15.43
C ILE B 219 15.99 -8.25 -16.38
N PRO B 220 16.44 -8.61 -17.58
CA PRO B 220 17.04 -7.61 -18.48
C PRO B 220 16.06 -6.50 -18.85
N ASP B 221 16.58 -5.27 -18.87
CA ASP B 221 15.74 -4.11 -19.14
C ASP B 221 15.22 -4.09 -20.58
N HIS B 222 15.90 -4.77 -21.50
CA HIS B 222 15.43 -4.82 -22.89
C HIS B 222 14.16 -5.65 -23.06
N PHE B 223 13.70 -6.34 -22.01
CA PHE B 223 12.45 -7.09 -22.06
C PHE B 223 11.29 -6.16 -21.71
N THR B 224 10.95 -5.30 -22.67
CA THR B 224 9.97 -4.26 -22.43
C THR B 224 8.59 -4.84 -22.09
N GLY B 225 8.23 -5.95 -22.72
CA GLY B 225 6.88 -6.48 -22.53
C GLY B 225 6.64 -7.00 -21.13
N VAL B 226 7.53 -7.89 -20.64
CA VAL B 226 7.34 -8.43 -19.30
C VAL B 226 7.53 -7.35 -18.25
N TRP B 227 8.45 -6.41 -18.48
CA TRP B 227 8.60 -5.30 -17.56
C TRP B 227 7.34 -4.43 -17.50
N ARG B 228 6.70 -4.18 -18.65
CA ARG B 228 5.43 -3.46 -18.64
C ARG B 228 4.41 -4.24 -17.84
N TYR B 229 4.35 -5.56 -18.05
CA TYR B 229 3.44 -6.42 -17.31
C TYR B 229 3.65 -6.28 -15.80
N LEU B 230 4.91 -6.19 -15.37
CA LEU B 230 5.20 -6.03 -13.95
C LEU B 230 4.75 -4.67 -13.44
N LYS B 231 4.88 -3.61 -14.24
CA LYS B 231 4.48 -2.28 -13.78
C LYS B 231 3.00 -2.23 -13.49
N ASN B 232 2.17 -2.73 -14.41
CA ASN B 232 0.73 -2.72 -14.19
C ASN B 232 0.34 -3.64 -13.03
N ALA B 233 1.12 -4.69 -12.79
CA ALA B 233 0.79 -5.62 -11.71
C ALA B 233 0.92 -4.94 -10.35
N ASP B 234 2.05 -4.26 -10.11
CA ASP B 234 2.25 -3.58 -8.83
C ASP B 234 1.25 -2.46 -8.62
N GLU B 235 0.70 -1.87 -9.69
CA GLU B 235 -0.30 -0.84 -9.57
C GLU B 235 -1.67 -1.40 -9.16
N ARG B 236 -1.80 -2.71 -9.06
CA ARG B 236 -3.06 -3.34 -8.68
C ARG B 236 -2.86 -4.04 -7.34
N ASP B 237 -3.81 -3.84 -6.43
CA ASP B 237 -3.65 -4.35 -5.07
C ASP B 237 -3.68 -5.87 -5.00
N GLU B 238 -4.44 -6.52 -5.88
CA GLU B 238 -4.63 -7.97 -5.79
C GLU B 238 -3.30 -8.72 -5.86
N PHE B 239 -2.32 -8.18 -6.57
CA PHE B 239 -0.99 -8.78 -6.62
C PHE B 239 -0.10 -8.20 -5.53
N LYS B 240 -0.05 -6.86 -5.44
CA LYS B 240 0.84 -6.20 -4.49
C LYS B 240 0.50 -6.57 -3.05
N GLN B 241 -0.79 -6.59 -2.71
CA GLN B 241 -1.18 -6.85 -1.33
C GLN B 241 -1.10 -8.32 -0.95
N THR B 242 -1.00 -9.22 -1.92
CA THR B 242 -0.85 -10.64 -1.67
C THR B 242 0.59 -11.13 -1.70
N CYS B 243 1.54 -10.27 -2.08
CA CYS B 243 2.93 -10.71 -2.15
C CYS B 243 3.52 -10.85 -0.75
N PRO B 244 4.33 -11.87 -0.51
CA PRO B 244 5.07 -11.96 0.74
C PRO B 244 6.18 -10.93 0.78
N ALA B 245 6.68 -10.68 2.00
CA ALA B 245 7.85 -9.85 2.16
C ALA B 245 9.05 -10.51 1.49
N ASP B 246 9.97 -9.69 0.98
CA ASP B 246 11.14 -10.22 0.30
C ASP B 246 11.91 -11.18 1.19
N ILE B 247 12.04 -10.86 2.48
CA ILE B 247 12.85 -11.66 3.39
C ILE B 247 12.36 -13.10 3.43
N GLU B 248 11.03 -13.29 3.35
CA GLU B 248 10.47 -14.64 3.43
C GLU B 248 10.91 -15.50 2.25
N ILE B 249 10.92 -14.92 1.05
CA ILE B 249 11.37 -15.66 -0.13
C ILE B 249 12.86 -15.96 -0.04
N GLU B 250 13.66 -14.98 0.37
CA GLU B 250 15.10 -15.18 0.49
C GLU B 250 15.41 -16.27 1.52
N LYS B 251 14.74 -16.22 2.68
CA LYS B 251 15.02 -17.21 3.71
C LYS B 251 14.65 -18.61 3.25
N ALA B 252 13.54 -18.76 2.51
CA ALA B 252 13.17 -20.05 1.97
C ALA B 252 14.21 -20.57 0.98
N TYR B 253 14.82 -19.67 0.22
CA TYR B 253 15.82 -20.05 -0.78
C TYR B 253 17.24 -19.88 -0.27
N LEU B 254 17.42 -19.58 1.02
CA LEU B 254 18.77 -19.51 1.58
C LEU B 254 19.46 -20.86 1.52
N SER B 255 18.71 -21.95 1.76
CA SER B 255 19.30 -23.28 1.72
C SER B 255 19.74 -23.63 0.30
N VAL B 256 18.85 -23.45 -0.68
CA VAL B 256 19.19 -23.83 -2.06
C VAL B 256 20.25 -22.91 -2.64
N ALA B 257 20.48 -21.74 -2.05
CA ALA B 257 21.49 -20.84 -2.57
C ALA B 257 22.85 -21.07 -1.94
N ASN B 258 22.93 -21.93 -0.94
CA ASN B 258 24.22 -22.37 -0.42
C ASN B 258 24.85 -23.41 -1.33
N LYS B 259 24.03 -24.07 -2.15
CA LYS B 259 24.45 -25.05 -3.15
C LYS B 259 25.19 -26.21 -2.48
N ARG B 260 25.82 -27.06 -3.29
CA ARG B 260 26.51 -28.21 -2.75
C ARG B 260 27.56 -28.73 -3.73
#